data_5WHH
#
_entry.id   5WHH
#
_cell.length_a   86.710
_cell.length_b   86.710
_cell.length_c   40.360
_cell.angle_alpha   90.00
_cell.angle_beta   90.00
_cell.angle_gamma   120.00
#
_symmetry.space_group_name_H-M   'P 32 2 1'
#
loop_
_entity.id
_entity.type
_entity.pdbx_description
1 polymer 'Bcl-2-related protein A1'
2 polymer (AQ7)T(0EH)LRRFGD(MK8)INFRQ(NH2)
3 non-polymer 'CHLORIDE ION'
4 water water
#
loop_
_entity_poly.entity_id
_entity_poly.type
_entity_poly.pdbx_seq_one_letter_code
_entity_poly.pdbx_strand_id
1 'polypeptide(L)'
;MGHHHHHHSHMTDSEFGYIYRLAQDYLQSVLQIPQPGSGPSKTSRVLQNVAFSVQKEVEKNLKSCLDNVNVVSVDTARTL
FNQVMEKEFEDGIINWGRIVTIFAFEGILIKKLLRQQIAPDVDTYKEISYFVAEFIMNNTGEWIRQNGGWENGFVKKFEP
K
;
A
2 'polypeptide(L)' (AQ7)T(0EH)LRRFGD(MK8)INFRQ(NH2) B
#
loop_
_chem_comp.id
_chem_comp.type
_chem_comp.name
_chem_comp.formula
AQ7 non-polymer N-[(3R)-1-propanoylpiperidine-3-carbonyl]-L-alanine 'C12 H20 N2 O4'
CL non-polymer 'CHLORIDE ION' 'Cl -1'
NH2 non-polymer 'AMINO GROUP' 'H2 N'
#
# COMPACT_ATOMS: atom_id res chain seq x y z
N ASP A 13 19.55 5.33 3.47
CA ASP A 13 19.16 4.92 4.81
C ASP A 13 18.39 6.03 5.51
N SER A 14 17.52 6.70 4.78
CA SER A 14 16.66 7.75 5.33
C SER A 14 15.28 7.20 5.61
N GLU A 15 14.47 8.01 6.29
CA GLU A 15 13.12 7.59 6.67
C GLU A 15 12.23 7.45 5.44
N PHE A 16 12.24 8.46 4.58
CA PHE A 16 11.43 8.38 3.36
C PHE A 16 11.95 7.29 2.42
N GLY A 17 13.27 7.16 2.32
CA GLY A 17 13.83 6.14 1.44
C GLY A 17 13.46 4.72 1.86
N TYR A 18 13.36 4.49 3.16
CA TYR A 18 12.99 3.16 3.64
C TYR A 18 11.51 2.87 3.37
N ILE A 19 10.65 3.89 3.53
CA ILE A 19 9.24 3.70 3.23
C ILE A 19 9.04 3.58 1.72
N TYR A 20 9.82 4.33 0.93
CA TYR A 20 9.74 4.19 -0.52
C TYR A 20 10.15 2.80 -0.97
N ARG A 21 11.20 2.23 -0.34
CA ARG A 21 11.62 0.89 -0.69
C ARG A 21 10.55 -0.15 -0.35
N LEU A 22 9.86 0.03 0.78
CA LEU A 22 8.78 -0.88 1.13
C LEU A 22 7.61 -0.76 0.16
N ALA A 23 7.24 0.48 -0.19
CA ALA A 23 6.12 0.68 -1.11
C ALA A 23 6.44 0.13 -2.48
N GLN A 24 7.67 0.35 -2.95
CA GLN A 24 8.06 -0.13 -4.27
C GLN A 24 8.25 -1.64 -4.29
N ASP A 25 8.80 -2.20 -3.20
CA ASP A 25 8.97 -3.65 -3.12
C ASP A 25 7.64 -4.37 -3.23
N TYR A 26 6.61 -3.86 -2.55
CA TYR A 26 5.32 -4.53 -2.55
C TYR A 26 4.68 -4.53 -3.93
N LEU A 27 4.81 -3.43 -4.66
CA LEU A 27 4.28 -3.39 -6.02
C LEU A 27 5.00 -4.36 -6.94
N GLN A 28 6.29 -4.60 -6.70
CA GLN A 28 7.00 -5.63 -7.45
C GLN A 28 6.44 -7.01 -7.14
N SER A 29 6.08 -7.26 -5.88
CA SER A 29 5.47 -8.54 -5.52
C SER A 29 4.07 -8.68 -6.10
N VAL A 30 3.32 -7.58 -6.19
CA VAL A 30 1.98 -7.63 -6.77
C VAL A 30 2.07 -7.88 -8.28
N LEU A 31 2.88 -7.08 -8.97
CA LEU A 31 3.08 -7.29 -10.40
C LEU A 31 3.91 -8.54 -10.69
N GLN A 32 4.56 -9.11 -9.67
CA GLN A 32 5.37 -10.32 -9.79
C GLN A 32 6.60 -10.07 -10.66
N ILE A 33 7.25 -8.93 -10.45
CA ILE A 33 8.51 -8.60 -11.08
C ILE A 33 9.62 -9.29 -10.30
N PRO A 34 10.47 -10.10 -10.94
CA PRO A 34 11.53 -10.79 -10.20
C PRO A 34 12.60 -9.81 -9.72
N GLN A 35 13.07 -10.03 -8.49
CA GLN A 35 14.05 -9.18 -7.84
C GLN A 35 15.40 -9.90 -7.81
N PRO A 36 16.45 -9.32 -7.19
CA PRO A 36 17.67 -10.08 -6.92
C PRO A 36 17.41 -11.44 -6.27
N GLY A 37 18.42 -12.30 -6.25
CA GLY A 37 18.22 -13.69 -5.92
C GLY A 37 18.12 -13.72 -4.41
N SER A 38 16.91 -13.91 -3.88
CA SER A 38 16.66 -14.23 -2.48
C SER A 38 15.41 -13.52 -1.99
N GLY A 39 14.84 -12.66 -2.83
CA GLY A 39 13.70 -11.87 -2.44
C GLY A 39 14.13 -10.61 -1.69
N PRO A 40 13.16 -9.78 -1.32
CA PRO A 40 13.50 -8.54 -0.61
C PRO A 40 13.86 -8.79 0.86
N SER A 41 13.86 -7.73 1.66
CA SER A 41 14.18 -7.86 3.07
C SER A 41 13.11 -8.66 3.81
N LYS A 42 13.46 -9.12 5.01
CA LYS A 42 12.51 -9.86 5.84
C LYS A 42 11.31 -8.99 6.19
N THR A 43 11.54 -7.69 6.40
CA THR A 43 10.44 -6.79 6.70
C THR A 43 9.48 -6.68 5.53
N SER A 44 10.01 -6.58 4.31
CA SER A 44 9.14 -6.53 3.13
C SER A 44 8.42 -7.86 2.92
N ARG A 45 9.00 -8.96 3.39
CA ARG A 45 8.35 -10.27 3.25
C ARG A 45 7.21 -10.42 4.24
N VAL A 46 7.40 -9.98 5.49
CA VAL A 46 6.31 -9.98 6.45
C VAL A 46 5.19 -9.06 5.99
N LEU A 47 5.55 -7.90 5.44
CA LEU A 47 4.55 -6.97 4.93
C LEU A 47 3.81 -7.55 3.73
N GLN A 48 4.52 -8.27 2.86
CA GLN A 48 3.89 -8.82 1.66
C GLN A 48 2.90 -9.92 2.01
N ASN A 49 3.22 -10.76 3.00
CA ASN A 49 2.32 -11.84 3.37
C ASN A 49 1.05 -11.30 4.01
N VAL A 50 1.18 -10.29 4.87
CA VAL A 50 0.01 -9.73 5.55
C VAL A 50 -0.88 -8.98 4.54
N ALA A 51 -0.26 -8.26 3.61
CA ALA A 51 -1.04 -7.50 2.64
C ALA A 51 -1.64 -8.40 1.57
N PHE A 52 -1.00 -9.53 1.26
CA PHE A 52 -1.62 -10.51 0.39
C PHE A 52 -2.81 -11.18 1.05
N SER A 53 -2.73 -11.37 2.37
CA SER A 53 -3.84 -11.88 3.17
C SER A 53 -5.07 -10.98 3.10
N VAL A 54 -4.94 -9.84 2.45
CA VAL A 54 -5.96 -8.80 2.46
C VAL A 54 -6.41 -8.48 1.04
N GLN A 55 -5.43 -8.37 0.14
CA GLN A 55 -5.66 -7.75 -1.16
C GLN A 55 -6.75 -8.45 -1.95
N LYS A 56 -6.63 -9.78 -2.12
CA LYS A 56 -7.61 -10.50 -2.92
C LYS A 56 -9.01 -10.42 -2.31
N GLU A 57 -9.11 -10.29 -0.99
CA GLU A 57 -10.41 -10.17 -0.35
C GLU A 57 -11.01 -8.78 -0.54
N VAL A 58 -10.16 -7.75 -0.54
CA VAL A 58 -10.65 -6.39 -0.75
C VAL A 58 -11.16 -6.22 -2.17
N GLU A 59 -10.42 -6.76 -3.15
CA GLU A 59 -10.86 -6.68 -4.54
C GLU A 59 -12.21 -7.36 -4.71
N LYS A 60 -12.34 -8.57 -4.16
CA LYS A 60 -13.59 -9.31 -4.27
C LYS A 60 -14.69 -8.71 -3.41
N ASN A 61 -14.36 -7.74 -2.56
CA ASN A 61 -15.40 -7.02 -1.83
C ASN A 61 -15.84 -5.75 -2.56
N LEU A 62 -14.97 -5.18 -3.39
CA LEU A 62 -15.23 -3.91 -4.07
C LEU A 62 -15.25 -4.03 -5.59
N LYS A 63 -15.64 -5.19 -6.11
CA LYS A 63 -15.64 -5.40 -7.56
C LYS A 63 -16.59 -4.43 -8.27
N SER A 64 -17.75 -4.17 -7.67
CA SER A 64 -18.66 -3.18 -8.27
C SER A 64 -18.03 -1.78 -8.27
N CYS A 65 -17.36 -1.39 -7.17
CA CYS A 65 -16.75 -0.07 -7.10
C CYS A 65 -15.53 0.04 -8.00
N LEU A 66 -14.67 -0.98 -8.00
CA LEU A 66 -13.43 -0.90 -8.78
C LEU A 66 -13.66 -1.05 -10.27
N ASP A 67 -14.71 -1.78 -10.68
CA ASP A 67 -15.00 -1.94 -12.09
C ASP A 67 -15.54 -0.68 -12.74
N ASN A 68 -15.83 0.36 -11.95
CA ASN A 68 -16.42 1.58 -12.48
C ASN A 68 -15.51 2.78 -12.36
N VAL A 69 -14.31 2.63 -11.82
CA VAL A 69 -13.37 3.74 -11.73
C VAL A 69 -12.45 3.70 -12.94
N ASN A 70 -12.03 4.87 -13.40
CA ASN A 70 -11.08 4.98 -14.50
C ASN A 70 -9.73 5.38 -13.88
N VAL A 71 -8.82 4.41 -13.79
CA VAL A 71 -7.46 4.67 -13.37
C VAL A 71 -6.61 4.63 -14.62
N VAL A 72 -6.56 5.76 -15.33
CA VAL A 72 -5.99 5.82 -16.68
C VAL A 72 -4.69 6.60 -16.74
N SER A 73 -4.19 7.07 -15.60
CA SER A 73 -2.97 7.88 -15.58
C SER A 73 -2.45 7.92 -14.15
N VAL A 74 -1.27 8.52 -14.00
CA VAL A 74 -0.64 8.61 -12.69
C VAL A 74 -1.36 9.63 -11.81
N ASP A 75 -1.63 10.81 -12.35
CA ASP A 75 -2.36 11.82 -11.59
C ASP A 75 -3.76 11.33 -11.25
N THR A 76 -4.42 10.68 -12.20
CA THR A 76 -5.72 10.06 -11.94
C THR A 76 -5.61 9.00 -10.85
N ALA A 77 -4.53 8.20 -10.89
CA ALA A 77 -4.31 7.21 -9.84
C ALA A 77 -4.04 7.88 -8.50
N ARG A 78 -3.33 9.01 -8.50
CA ARG A 78 -3.04 9.72 -7.26
C ARG A 78 -4.31 10.33 -6.67
N THR A 79 -5.17 10.89 -7.53
CA THR A 79 -6.41 11.49 -7.07
C THR A 79 -7.27 10.50 -6.30
N LEU A 80 -7.47 9.30 -6.88
CA LEU A 80 -8.28 8.29 -6.22
C LEU A 80 -7.63 7.82 -4.93
N PHE A 81 -6.31 7.63 -4.93
CA PHE A 81 -5.61 7.19 -3.73
C PHE A 81 -5.78 8.20 -2.60
N ASN A 82 -5.53 9.48 -2.90
CA ASN A 82 -5.72 10.52 -1.90
C ASN A 82 -7.15 10.53 -1.37
N GLN A 83 -8.13 10.32 -2.26
CA GLN A 83 -9.53 10.40 -1.87
C GLN A 83 -9.90 9.27 -0.92
N VAL A 84 -9.49 8.04 -1.24
CA VAL A 84 -9.80 6.90 -0.38
C VAL A 84 -9.04 7.00 0.94
N MET A 85 -7.77 7.42 0.88
CA MET A 85 -6.96 7.45 2.08
C MET A 85 -7.41 8.51 3.06
N GLU A 86 -7.92 9.64 2.56
CA GLU A 86 -8.38 10.70 3.47
C GLU A 86 -9.65 10.30 4.20
N LYS A 87 -10.52 9.52 3.56
CA LYS A 87 -11.76 9.09 4.20
C LYS A 87 -11.55 7.90 5.11
N GLU A 88 -10.59 7.02 4.80
CA GLU A 88 -10.30 5.90 5.67
C GLU A 88 -9.79 6.37 7.03
N PHE A 89 -8.95 7.40 7.04
CA PHE A 89 -8.37 7.93 8.26
C PHE A 89 -9.09 9.17 8.77
N GLU A 90 -10.31 9.42 8.30
CA GLU A 90 -11.05 10.60 8.74
C GLU A 90 -11.52 10.50 10.19
N ASP A 91 -11.23 9.40 10.87
CA ASP A 91 -11.56 9.24 12.29
C ASP A 91 -10.38 9.56 13.20
N GLY A 92 -9.21 9.85 12.63
CA GLY A 92 -8.04 10.18 13.43
C GLY A 92 -7.36 9.01 14.10
N ILE A 93 -7.58 7.79 13.62
CA ILE A 93 -7.07 6.58 14.26
C ILE A 93 -6.07 5.92 13.30
N ILE A 94 -4.92 5.52 13.85
CA ILE A 94 -3.87 4.86 13.09
C ILE A 94 -3.44 3.61 13.83
N ASN A 95 -3.34 2.49 13.11
CA ASN A 95 -2.77 1.27 13.66
C ASN A 95 -2.05 0.52 12.54
N TRP A 96 -1.29 -0.50 12.93
CA TRP A 96 -0.52 -1.25 11.96
C TRP A 96 -1.40 -1.94 10.92
N GLY A 97 -2.61 -2.34 11.32
CA GLY A 97 -3.53 -2.94 10.37
C GLY A 97 -3.95 -1.97 9.27
N ARG A 98 -4.25 -0.73 9.65
CA ARG A 98 -4.62 0.28 8.66
C ARG A 98 -3.46 0.59 7.73
N ILE A 99 -2.24 0.56 8.25
CA ILE A 99 -1.06 0.81 7.41
C ILE A 99 -0.92 -0.29 6.37
N VAL A 100 -1.18 -1.54 6.75
CA VAL A 100 -1.15 -2.64 5.79
C VAL A 100 -2.10 -2.38 4.63
N THR A 101 -3.30 -1.86 4.94
CA THR A 101 -4.27 -1.58 3.90
C THR A 101 -3.81 -0.48 2.94
N ILE A 102 -2.89 0.38 3.38
CA ILE A 102 -2.33 1.38 2.47
C ILE A 102 -1.53 0.69 1.38
N PHE A 103 -0.75 -0.32 1.74
CA PHE A 103 -0.02 -1.09 0.74
C PHE A 103 -0.97 -1.95 -0.08
N ALA A 104 -1.99 -2.52 0.54
CA ALA A 104 -2.93 -3.36 -0.19
C ALA A 104 -3.68 -2.57 -1.25
N PHE A 105 -3.96 -1.29 -0.97
CA PHE A 105 -4.72 -0.48 -1.91
C PHE A 105 -3.86 -0.03 -3.08
N GLU A 106 -2.58 0.29 -2.83
CA GLU A 106 -1.70 0.64 -3.94
C GLU A 106 -1.49 -0.54 -4.87
N GLY A 107 -1.62 -1.76 -4.37
CA GLY A 107 -1.53 -2.92 -5.25
C GLY A 107 -2.72 -3.05 -6.18
N ILE A 108 -3.91 -2.67 -5.70
CA ILE A 108 -5.09 -2.71 -6.54
C ILE A 108 -5.04 -1.58 -7.57
N LEU A 109 -4.51 -0.41 -7.16
CA LEU A 109 -4.40 0.71 -8.09
C LEU A 109 -3.46 0.39 -9.25
N ILE A 110 -2.31 -0.22 -8.96
CA ILE A 110 -1.33 -0.49 -10.01
C ILE A 110 -1.86 -1.55 -10.97
N LYS A 111 -2.73 -2.45 -10.51
CA LYS A 111 -3.31 -3.44 -11.40
C LYS A 111 -4.43 -2.86 -12.25
N LYS A 112 -5.17 -1.89 -11.71
CA LYS A 112 -6.15 -1.17 -12.53
C LYS A 112 -5.46 -0.23 -13.52
N LEU A 113 -4.34 0.37 -13.12
CA LEU A 113 -3.60 1.24 -14.03
C LEU A 113 -2.98 0.44 -15.17
N LEU A 114 -2.39 -0.72 -14.85
CA LEU A 114 -1.82 -1.58 -15.87
C LEU A 114 -2.84 -1.93 -16.95
N ARG A 115 -4.10 -2.10 -16.56
CA ARG A 115 -5.14 -2.50 -17.49
C ARG A 115 -5.78 -1.34 -18.23
N GLN A 116 -5.64 -0.11 -17.72
CA GLN A 116 -6.33 1.03 -18.31
C GLN A 116 -5.40 2.10 -18.89
N GLN A 117 -4.16 2.19 -18.44
CA GLN A 117 -3.26 3.25 -18.89
C GLN A 117 -2.70 2.92 -20.27
N ILE A 118 -2.78 3.89 -21.14
CA ILE A 118 -2.29 3.75 -22.45
C ILE A 118 -0.97 4.44 -22.46
N ALA A 119 0.00 3.78 -23.05
CA ALA A 119 1.33 4.28 -23.22
C ALA A 119 1.98 4.71 -21.95
N PRO A 120 2.16 3.78 -21.05
CA PRO A 120 2.75 4.13 -19.78
C PRO A 120 4.23 4.25 -19.84
N ASP A 121 4.81 4.89 -18.87
CA ASP A 121 6.23 5.02 -18.74
C ASP A 121 6.79 3.70 -18.27
N VAL A 122 8.07 3.51 -18.42
CA VAL A 122 8.69 2.32 -17.94
C VAL A 122 8.75 2.38 -16.45
N ASP A 123 8.41 1.29 -15.82
CA ASP A 123 8.45 1.21 -14.36
C ASP A 123 7.52 2.22 -13.70
N THR A 124 6.27 2.25 -14.19
CA THR A 124 5.27 3.13 -13.61
C THR A 124 5.02 2.80 -12.14
N TYR A 125 5.26 1.55 -11.73
CA TYR A 125 5.12 1.19 -10.33
C TYR A 125 6.02 2.02 -9.42
N LYS A 126 7.15 2.51 -9.95
CA LYS A 126 7.99 3.41 -9.19
C LYS A 126 7.33 4.77 -8.98
N GLU A 127 6.54 5.22 -9.95
CA GLU A 127 5.83 6.49 -9.81
C GLU A 127 4.69 6.38 -8.81
N ILE A 128 3.96 5.26 -8.84
CA ILE A 128 2.85 5.06 -7.91
C ILE A 128 3.39 4.90 -6.49
N SER A 129 4.45 4.11 -6.32
CA SER A 129 5.03 3.92 -5.00
C SER A 129 5.55 5.23 -4.42
N TYR A 130 5.92 6.18 -5.27
CA TYR A 130 6.49 7.43 -4.79
C TYR A 130 5.47 8.25 -4.01
N PHE A 131 4.32 8.55 -4.63
CA PHE A 131 3.32 9.33 -3.91
C PHE A 131 2.63 8.51 -2.82
N VAL A 132 2.66 7.18 -2.90
CA VAL A 132 2.17 6.36 -1.81
C VAL A 132 3.08 6.50 -0.60
N ALA A 133 4.39 6.54 -0.84
CA ALA A 133 5.34 6.74 0.27
C ALA A 133 5.24 8.15 0.83
N GLU A 134 4.85 9.13 0.01
CA GLU A 134 4.66 10.49 0.52
C GLU A 134 3.51 10.55 1.51
N PHE A 135 2.43 9.82 1.24
CA PHE A 135 1.30 9.81 2.16
C PHE A 135 1.65 9.11 3.46
N ILE A 136 2.37 7.98 3.38
CA ILE A 136 2.66 7.19 4.58
C ILE A 136 3.55 7.98 5.53
N MET A 137 4.57 8.65 5.00
CA MET A 137 5.51 9.33 5.88
C MET A 137 4.97 10.67 6.40
N ASN A 138 4.18 11.37 5.60
CA ASN A 138 3.68 12.67 6.03
C ASN A 138 2.52 12.55 7.02
N ASN A 139 1.75 11.46 6.96
CA ASN A 139 0.55 11.33 7.76
C ASN A 139 0.60 10.21 8.79
N THR A 140 1.53 9.25 8.65
CA THR A 140 1.73 8.21 9.65
C THR A 140 3.20 8.06 10.05
N GLY A 141 4.08 8.95 9.61
CA GLY A 141 5.49 8.81 9.95
C GLY A 141 5.75 9.03 11.43
N GLU A 142 5.17 10.10 12.00
CA GLU A 142 5.32 10.36 13.43
C GLU A 142 4.72 9.24 14.27
N TRP A 143 3.63 8.64 13.81
CA TRP A 143 3.02 7.54 14.55
C TRP A 143 3.91 6.29 14.49
N ILE A 144 4.47 5.99 13.31
CA ILE A 144 5.37 4.84 13.19
C ILE A 144 6.56 5.00 14.11
N ARG A 145 7.10 6.22 14.21
CA ARG A 145 8.20 6.47 15.12
C ARG A 145 7.83 6.18 16.57
N GLN A 146 6.57 6.42 16.94
CA GLN A 146 6.14 6.36 18.33
C GLN A 146 5.49 5.04 18.70
N ASN A 147 5.63 4.00 17.87
CA ASN A 147 5.05 2.69 18.18
C ASN A 147 6.02 1.58 17.75
N GLY A 148 7.32 1.82 17.92
CA GLY A 148 8.33 0.82 17.69
C GLY A 148 9.01 0.87 16.33
N GLY A 149 8.46 1.59 15.38
CA GLY A 149 9.04 1.59 14.04
C GLY A 149 8.72 0.31 13.30
N TRP A 150 9.45 0.10 12.20
CA TRP A 150 9.16 -1.02 11.32
C TRP A 150 9.75 -2.33 11.84
N GLU A 151 10.99 -2.31 12.34
CA GLU A 151 11.64 -3.53 12.79
C GLU A 151 11.23 -3.96 14.19
N ASN A 152 10.53 -3.12 14.94
CA ASN A 152 10.14 -3.46 16.30
C ASN A 152 8.63 -3.41 16.54
N GLY A 153 7.89 -2.65 15.74
CA GLY A 153 6.46 -2.55 15.93
C GLY A 153 5.67 -3.39 14.95
N PHE A 154 5.98 -3.27 13.66
CA PHE A 154 5.23 -3.98 12.64
C PHE A 154 5.60 -5.46 12.61
N VAL A 155 6.89 -5.75 12.40
CA VAL A 155 7.33 -7.15 12.29
C VAL A 155 6.99 -7.92 13.56
N LYS A 156 7.27 -7.33 14.72
CA LYS A 156 7.09 -8.02 15.99
C LYS A 156 5.63 -8.29 16.32
N LYS A 157 4.68 -7.73 15.58
CA LYS A 157 3.26 -7.97 15.84
C LYS A 157 2.62 -8.90 14.82
N PHE A 158 3.22 -9.05 13.63
CA PHE A 158 2.69 -9.93 12.60
C PHE A 158 3.57 -11.16 12.36
N GLU A 159 4.67 -11.29 13.08
CA GLU A 159 5.57 -12.41 12.92
C GLU A 159 5.72 -13.19 14.23
C9 AQ7 B 1 -16.57 2.97 -2.69
C8 AQ7 B 1 -14.79 3.22 -1.04
C10 AQ7 B 1 -16.95 2.83 -4.15
C11 AQ7 B 1 -18.22 2.02 -4.28
N1 AQ7 B 1 -15.28 3.16 -2.42
C3 AQ7 B 1 -13.18 2.11 0.48
C4 AQ7 B 1 -13.80 2.07 -0.88
C5 AQ7 B 1 -12.69 2.21 -1.93
N AQ7 B 1 -13.33 3.24 1.17
CA AQ7 B 1 -12.47 3.54 2.30
C AQ7 B 1 -13.00 2.95 3.58
O AQ7 B 1 -12.25 2.76 4.53
CB AQ7 B 1 -12.32 5.05 2.46
C6 AQ7 B 1 -13.30 2.22 -3.32
C7 AQ7 B 1 -14.29 3.37 -3.45
O1 AQ7 B 1 -12.57 1.15 0.92
O2 AQ7 B 1 -17.44 2.90 -1.83
N THR B 2 -14.30 2.68 3.63
CA THR B 2 -14.91 2.05 4.79
C THR B 2 -14.43 0.61 4.90
O 0EH B 3 -12.29 -2.46 4.98
C 0EH B 3 -12.57 -1.62 4.13
CA 0EH B 3 -13.98 -1.47 3.62
CAA 0EH B 3 -14.05 -1.88 2.15
CAB 0EH B 3 -14.89 -2.39 4.46
N 0EH B 3 -14.45 -0.08 3.76
CAO 0EH B 3 -15.18 -3.71 3.76
CAP 0EH B 3 -15.68 -4.78 4.73
CAQ 0EH B 3 -14.52 -5.41 5.49
CAR 0EH B 3 -14.89 -6.80 5.99
CAS 0EH B 3 -13.63 -7.58 6.39
CAT 0EH B 3 -13.46 -7.55 7.88
N LEU B 4 -11.67 -0.80 3.59
CA LEU B 4 -10.25 -0.86 3.95
C LEU B 4 -10.01 -0.55 5.42
N ARG B 5 -10.86 0.33 5.98
CA ARG B 5 -10.68 0.71 7.38
C ARG B 5 -10.99 -0.46 8.31
N ARG B 6 -12.03 -1.23 8.00
CA ARG B 6 -12.39 -2.36 8.86
C ARG B 6 -11.57 -3.60 8.53
N PHE B 7 -11.09 -3.73 7.29
CA PHE B 7 -10.08 -4.73 7.00
C PHE B 7 -8.83 -4.47 7.81
N GLY B 8 -8.51 -3.21 8.07
CA GLY B 8 -7.32 -2.87 8.83
C GLY B 8 -7.50 -3.13 10.32
N ASP B 9 -8.59 -2.66 10.89
CA ASP B 9 -8.89 -2.90 12.31
C ASP B 9 -8.96 -4.39 12.60
C MK8 B 10 -8.29 -7.26 11.99
N MK8 B 10 -9.47 -5.14 11.63
O MK8 B 10 -8.20 -8.19 12.77
CA MK8 B 10 -9.63 -6.60 11.72
CB MK8 B 10 -10.08 -7.08 10.34
CD MK8 B 10 -12.26 -8.01 9.95
CE MK8 B 10 -12.38 -8.06 8.45
CG MK8 B 10 -10.82 -8.30 10.39
CB1 MK8 B 10 -10.60 -6.95 12.83
N ILE B 11 -7.26 -6.77 11.32
CA ILE B 11 -5.94 -7.35 11.40
C ILE B 11 -5.18 -6.79 12.59
N ASN B 12 -5.62 -5.63 13.05
CA ASN B 12 -5.05 -5.15 14.29
C ASN B 12 -5.46 -5.98 15.50
N PHE B 13 -6.19 -7.08 15.34
CA PHE B 13 -6.48 -8.00 16.44
C PHE B 13 -5.41 -9.10 16.50
CL CL C . -13.59 6.76 -0.42
#